data_2LWO
#
_entry.id   2LWO
#
loop_
_entity.id
_entity.type
_entity.pdbx_description
1 polymer "DNA (5'-D(*G*CP*GP*TP*AP*C*(LWM)P*CP*AP*TP*GP*C)-3')"
2 polymer "DNA (5'-D(*GP*CP*AP*TP*GP*CP*GP*TP*AP*CP*G)-3')"
#
loop_
_entity_poly.entity_id
_entity_poly.type
_entity_poly.pdbx_seq_one_letter_code
_entity_poly.pdbx_strand_id
1 'polydeoxyribonucleotide' (DG)(DC)(DG)(DT)(DA)(DC)(LWM)(DC)(DA)(DT)(DG)(DC) B
2 'polydeoxyribonucleotide' (DG)(DC)(DA)(DT)(DG)(DC)(DG)(DT)(DA)(DC)(DG) D
#